data_7QFN
#
_entry.id   7QFN
#
_cell.length_a   103.021
_cell.length_b   103.021
_cell.length_c   66.693
_cell.angle_alpha   90.000
_cell.angle_beta   90.000
_cell.angle_gamma   120.000
#
_symmetry.space_group_name_H-M   'P 3 2 1'
#
loop_
_entity.id
_entity.type
_entity.pdbx_description
1 polymer 'DNA topoisomerase 2-beta'
2 non-polymer "ADENOSINE-5'-DIPHOSPHATE"
3 non-polymer 'SULFATE ION'
4 non-polymer 'MAGNESIUM ION'
5 water water
#
_entity_poly.entity_id   1
_entity_poly.type   'polypeptide(L)'
_entity_poly.pdbx_seq_one_letter_code
;SNASVERVYQKKTQLEHILLRPDTYIGSVEPLTQFMWVYDEDVGMNCREVTFVPGLYKIFDEILVNAADNKQRDKNMTCI
KVSIDPESNIISIWNNGKGIPVVEHKVEKVYVPALIFGQLLTSSNYDDDEKKVTGGRNGYGAKLCNIFSTKFTVETACKE
YKHSFKQTWMNNMMKTSEAKIKHFDGEDYTCITFQPDLSKFKMEKLDKDIVALMTRRAYDLAGSCRGVKVMFNGKKLPVN
GFRSYVDLYVKDKLDETGVALKVIHELANERWDVCLTLSEKGFQQISFVNSIATTKGGRHVDYVVDQVVGKLIEVVKKKN
KAGVSVKPFQVKNHIWVFINCLIENPTFDSQTKENMTLQPKSFGSKCQLSEKFFKAASNCGIVESILNWVKFKAQTQLNK
KCS
;
_entity_poly.pdbx_strand_id   A
#
loop_
_chem_comp.id
_chem_comp.type
_chem_comp.name
_chem_comp.formula
ADP non-polymer ADENOSINE-5'-DIPHOSPHATE 'C10 H15 N5 O10 P2'
MG non-polymer 'MAGNESIUM ION' 'Mg 2'
SO4 non-polymer 'SULFATE ION' 'O4 S -2'
#
# COMPACT_ATOMS: atom_id res chain seq x y z
N GLU A 6 -40.19 -11.93 6.42
CA GLU A 6 -39.79 -13.10 7.25
C GLU A 6 -38.53 -13.72 6.68
N ARG A 7 -38.67 -14.61 5.71
CA ARG A 7 -37.55 -15.01 4.87
C ARG A 7 -37.20 -13.90 3.88
N VAL A 8 -38.22 -13.12 3.52
CA VAL A 8 -38.12 -12.11 2.47
C VAL A 8 -37.33 -10.88 2.95
N TYR A 9 -37.85 -10.30 4.06
CA TYR A 9 -37.36 -9.07 4.64
C TYR A 9 -36.37 -9.46 5.74
N GLN A 10 -35.06 -9.22 5.52
CA GLN A 10 -34.04 -9.74 6.44
C GLN A 10 -33.08 -8.67 6.98
N LYS A 11 -32.42 -9.00 8.08
CA LYS A 11 -31.35 -8.19 8.60
C LYS A 11 -30.11 -9.06 8.88
N LYS A 12 -29.02 -8.62 8.29
CA LYS A 12 -27.76 -9.35 8.36
C LYS A 12 -26.87 -8.73 9.43
N THR A 13 -26.01 -9.56 10.05
CA THR A 13 -24.91 -9.01 10.82
C THR A 13 -23.87 -8.49 9.83
N GLN A 14 -22.96 -7.69 10.37
CA GLN A 14 -21.91 -7.02 9.61
C GLN A 14 -21.00 -8.04 8.94
N LEU A 15 -20.52 -8.98 9.77
CA LEU A 15 -19.87 -10.21 9.37
C LEU A 15 -20.61 -10.93 8.25
N GLU A 16 -21.88 -11.25 8.52
CA GLU A 16 -22.63 -12.08 7.60
C GLU A 16 -22.65 -11.37 6.26
N HIS A 17 -22.76 -10.03 6.36
CA HIS A 17 -22.94 -9.13 5.25
C HIS A 17 -21.71 -9.02 4.37
N ILE A 18 -20.56 -8.87 5.00
CA ILE A 18 -19.33 -8.82 4.22
C ILE A 18 -19.09 -10.13 3.47
N LEU A 19 -19.39 -11.23 4.13
CA LEU A 19 -19.37 -12.51 3.50
C LEU A 19 -20.39 -12.57 2.39
N LEU A 20 -21.52 -11.90 2.58
CA LEU A 20 -22.58 -11.95 1.57
C LEU A 20 -22.28 -11.00 0.41
N ARG A 21 -21.45 -9.99 0.68
CA ARG A 21 -21.22 -8.91 -0.27
C ARG A 21 -19.73 -8.55 -0.30
N PRO A 22 -18.86 -9.53 -0.63
CA PRO A 22 -17.42 -9.30 -0.69
C PRO A 22 -17.07 -8.12 -1.60
N ASP A 23 -17.30 -8.23 -2.90
CA ASP A 23 -17.37 -7.10 -3.82
C ASP A 23 -17.36 -5.74 -3.09
N THR A 24 -18.37 -5.51 -2.25
CA THR A 24 -18.70 -4.21 -1.69
C THR A 24 -17.59 -3.70 -0.78
N TYR A 25 -16.73 -4.57 -0.28
CA TYR A 25 -15.78 -4.29 0.80
C TYR A 25 -14.32 -4.34 0.34
N ILE A 26 -13.97 -5.41 -0.37
CA ILE A 26 -12.62 -5.69 -0.86
C ILE A 26 -12.47 -5.47 -2.38
N GLY A 27 -13.57 -5.17 -3.09
CA GLY A 27 -13.61 -5.09 -4.55
C GLY A 27 -14.05 -6.40 -5.19
N SER A 28 -13.98 -6.49 -6.54
CA SER A 28 -14.32 -7.71 -7.28
C SER A 28 -13.62 -8.94 -6.66
N VAL A 29 -14.34 -10.05 -6.53
CA VAL A 29 -13.72 -11.29 -6.09
C VAL A 29 -13.66 -12.22 -7.30
N GLU A 30 -13.67 -11.59 -8.47
CA GLU A 30 -13.73 -12.26 -9.74
C GLU A 30 -12.45 -11.87 -10.46
N PRO A 31 -11.86 -12.78 -11.27
CA PRO A 31 -10.75 -12.44 -12.16
C PRO A 31 -10.84 -11.15 -12.97
N LEU A 32 -9.71 -10.43 -13.04
CA LEU A 32 -9.57 -9.25 -13.87
C LEU A 32 -8.18 -9.32 -14.51
N THR A 33 -8.19 -9.09 -15.83
CA THR A 33 -7.02 -9.19 -16.68
C THR A 33 -6.73 -7.80 -17.21
N GLN A 34 -5.54 -7.26 -16.95
CA GLN A 34 -5.07 -6.03 -17.58
C GLN A 34 -3.55 -5.92 -17.51
N PHE A 35 -2.97 -5.09 -18.39
CA PHE A 35 -1.59 -4.69 -18.24
C PHE A 35 -1.42 -4.02 -16.90
N MET A 36 -0.36 -4.41 -16.18
CA MET A 36 -0.03 -3.92 -14.86
C MET A 36 1.49 -3.87 -14.75
N TRP A 37 2.01 -3.02 -13.85
CA TRP A 37 3.41 -3.09 -13.47
C TRP A 37 3.61 -4.15 -12.41
N VAL A 38 4.58 -5.06 -12.64
CA VAL A 38 4.84 -6.17 -11.70
C VAL A 38 6.34 -6.45 -11.55
N TYR A 39 6.69 -7.06 -10.42
CA TYR A 39 7.98 -7.67 -10.25
C TYR A 39 7.89 -9.19 -10.37
N ASP A 40 8.20 -9.66 -11.57
CA ASP A 40 8.52 -11.06 -11.81
C ASP A 40 9.94 -11.33 -11.28
N GLU A 41 10.05 -12.52 -10.64
CA GLU A 41 11.26 -13.10 -10.09
C GLU A 41 12.42 -12.91 -11.06
N ASP A 42 12.26 -13.42 -12.29
CA ASP A 42 13.42 -13.54 -13.17
C ASP A 42 13.68 -12.26 -13.98
N VAL A 43 12.72 -11.35 -14.14
CA VAL A 43 12.99 -10.17 -14.96
C VAL A 43 12.99 -8.92 -14.11
N GLY A 44 12.36 -8.98 -12.93
CA GLY A 44 12.18 -7.80 -12.11
C GLY A 44 11.02 -6.97 -12.64
N MET A 45 11.16 -5.64 -12.59
CA MET A 45 10.07 -4.71 -12.84
C MET A 45 9.69 -4.77 -14.32
N ASN A 46 8.40 -4.98 -14.64
CA ASN A 46 7.91 -4.98 -16.02
C ASN A 46 6.39 -4.73 -16.09
N CYS A 47 5.97 -4.26 -17.27
CA CYS A 47 4.56 -3.97 -17.48
C CYS A 47 4.00 -5.06 -18.39
N ARG A 48 2.98 -5.80 -17.92
CA ARG A 48 2.38 -6.84 -18.75
C ARG A 48 0.95 -7.20 -18.33
N GLU A 49 0.26 -7.83 -19.27
CA GLU A 49 -1.00 -8.47 -19.01
C GLU A 49 -0.79 -9.50 -17.91
N VAL A 50 -1.57 -9.24 -16.88
CA VAL A 50 -1.61 -9.99 -15.66
C VAL A 50 -3.07 -10.34 -15.45
N THR A 51 -3.34 -11.50 -14.85
CA THR A 51 -4.70 -11.78 -14.45
C THR A 51 -4.71 -12.15 -12.99
N PHE A 52 -5.53 -11.44 -12.22
CA PHE A 52 -5.64 -11.63 -10.78
C PHE A 52 -6.99 -11.14 -10.28
N VAL A 53 -7.26 -11.41 -9.00
CA VAL A 53 -8.49 -11.04 -8.32
C VAL A 53 -8.24 -9.78 -7.50
N PRO A 54 -8.86 -8.64 -7.90
CA PRO A 54 -8.69 -7.38 -7.17
C PRO A 54 -8.90 -7.46 -5.66
N GLY A 55 -9.82 -8.30 -5.18
CA GLY A 55 -10.09 -8.45 -3.76
C GLY A 55 -8.99 -9.21 -2.99
N LEU A 56 -8.27 -10.10 -3.68
CA LEU A 56 -7.07 -10.73 -3.10
C LEU A 56 -5.93 -9.74 -2.81
N TYR A 57 -5.55 -8.93 -3.81
CA TYR A 57 -4.63 -7.80 -3.72
C TYR A 57 -4.98 -6.82 -2.59
N LYS A 58 -6.27 -6.61 -2.33
CA LYS A 58 -6.68 -5.63 -1.37
C LYS A 58 -6.53 -6.16 0.06
N ILE A 59 -6.63 -7.47 0.34
CA ILE A 59 -6.45 -7.89 1.75
C ILE A 59 -4.96 -7.85 2.10
N PHE A 60 -4.13 -8.12 1.11
CA PHE A 60 -2.70 -8.07 1.28
C PHE A 60 -2.28 -6.61 1.48
N ASP A 61 -2.70 -5.72 0.56
CA ASP A 61 -2.27 -4.34 0.52
C ASP A 61 -2.73 -3.62 1.77
N GLU A 62 -3.79 -4.12 2.42
CA GLU A 62 -4.31 -3.54 3.64
C GLU A 62 -3.28 -3.69 4.76
N ILE A 63 -2.69 -4.89 4.87
CA ILE A 63 -1.80 -5.25 5.95
C ILE A 63 -0.44 -4.59 5.76
N LEU A 64 0.06 -4.71 4.53
CA LEU A 64 1.31 -4.07 4.12
C LEU A 64 1.21 -2.55 4.30
N VAL A 65 0.08 -1.90 4.03
CA VAL A 65 -0.06 -0.46 4.26
C VAL A 65 -0.10 -0.15 5.75
N ASN A 66 -0.62 -1.09 6.58
CA ASN A 66 -0.70 -0.88 8.02
C ASN A 66 0.72 -0.77 8.64
N ALA A 67 1.67 -1.61 8.17
CA ALA A 67 3.08 -1.53 8.56
C ALA A 67 3.66 -0.18 8.19
N ALA A 68 3.52 0.20 6.90
CA ALA A 68 3.93 1.52 6.38
C ALA A 68 3.42 2.65 7.28
N ASP A 69 2.18 2.54 7.78
CA ASP A 69 1.57 3.61 8.56
C ASP A 69 2.26 3.71 9.92
N ASN A 70 2.83 2.59 10.41
CA ASN A 70 3.38 2.58 11.77
C ASN A 70 4.63 3.45 11.84
N LYS A 71 5.27 3.63 10.68
CA LYS A 71 6.39 4.52 10.51
C LYS A 71 6.00 5.98 10.69
N GLN A 72 4.84 6.38 10.16
CA GLN A 72 4.30 7.70 10.47
C GLN A 72 3.87 7.79 11.91
N ARG A 73 3.51 6.65 12.53
CA ARG A 73 3.15 6.61 13.95
C ARG A 73 4.38 6.64 14.85
N ASP A 74 5.44 5.97 14.43
CA ASP A 74 6.68 5.91 15.17
C ASP A 74 7.82 5.88 14.15
N LYS A 75 8.49 7.04 14.05
CA LYS A 75 9.54 7.22 13.07
C LYS A 75 10.79 6.46 13.47
N ASN A 76 10.90 6.00 14.72
CA ASN A 76 12.00 5.14 15.11
C ASN A 76 11.90 3.77 14.40
N MET A 77 10.76 3.46 13.77
CA MET A 77 10.69 2.26 12.97
C MET A 77 11.73 2.27 11.83
N THR A 78 12.45 1.14 11.65
CA THR A 78 13.54 1.06 10.70
C THR A 78 13.26 0.02 9.63
N CYS A 79 12.47 -1.04 9.89
CA CYS A 79 12.39 -2.16 8.97
C CYS A 79 10.99 -2.86 8.90
N ILE A 80 10.70 -3.36 7.69
CA ILE A 80 9.56 -4.20 7.38
C ILE A 80 10.05 -5.40 6.57
N LYS A 81 9.71 -6.59 7.11
CA LYS A 81 9.86 -7.87 6.44
C LYS A 81 8.51 -8.37 5.91
N VAL A 82 8.50 -8.58 4.58
CA VAL A 82 7.44 -9.20 3.83
C VAL A 82 7.89 -10.60 3.44
N SER A 83 7.03 -11.58 3.70
CA SER A 83 7.29 -12.94 3.26
C SER A 83 6.01 -13.55 2.71
N ILE A 84 6.17 -14.17 1.53
CA ILE A 84 5.11 -14.78 0.76
C ILE A 84 5.50 -16.25 0.50
N ASP A 85 4.79 -17.22 1.11
CA ASP A 85 5.04 -18.63 0.86
C ASP A 85 3.83 -19.25 0.13
N PRO A 86 3.79 -19.29 -1.22
CA PRO A 86 2.61 -19.81 -1.93
C PRO A 86 2.32 -21.28 -1.63
N GLU A 87 3.33 -22.15 -1.67
CA GLU A 87 3.17 -23.59 -1.47
C GLU A 87 2.49 -23.88 -0.13
N SER A 88 2.73 -23.06 0.88
CA SER A 88 2.15 -23.32 2.20
C SER A 88 0.87 -22.49 2.39
N ASN A 89 0.65 -21.59 1.44
CA ASN A 89 -0.37 -20.55 1.45
C ASN A 89 -0.22 -19.66 2.67
N ILE A 90 0.99 -19.14 2.91
CA ILE A 90 1.20 -18.24 4.03
C ILE A 90 1.84 -16.93 3.59
N ILE A 91 1.35 -15.85 4.21
CA ILE A 91 1.96 -14.55 4.08
C ILE A 91 2.14 -13.91 5.45
N SER A 92 3.29 -13.28 5.67
CA SER A 92 3.62 -12.69 6.94
C SER A 92 4.26 -11.34 6.69
N ILE A 93 3.83 -10.38 7.51
CA ILE A 93 4.33 -9.02 7.44
C ILE A 93 4.77 -8.54 8.84
N TRP A 94 6.09 -8.26 8.93
CA TRP A 94 6.77 -7.92 10.16
C TRP A 94 7.19 -6.46 10.14
N ASN A 95 6.83 -5.71 11.16
CA ASN A 95 7.47 -4.43 11.32
C ASN A 95 7.95 -4.28 12.79
N ASN A 96 8.88 -3.32 12.98
CA ASN A 96 9.42 -2.87 14.26
C ASN A 96 8.99 -1.43 14.46
N GLY A 97 9.73 -0.70 15.29
CA GLY A 97 9.16 0.44 15.96
C GLY A 97 8.01 -0.03 16.84
N LYS A 98 7.26 0.97 17.30
CA LYS A 98 6.43 0.80 18.45
C LYS A 98 5.35 -0.24 18.11
N GLY A 99 5.15 -1.18 19.07
CA GLY A 99 4.14 -2.21 18.95
C GLY A 99 2.75 -1.66 19.31
N ILE A 100 1.85 -2.58 19.68
CA ILE A 100 0.49 -2.23 20.05
C ILE A 100 0.30 -2.54 21.54
N PRO A 101 -0.10 -1.49 22.28
CA PRO A 101 -0.25 -1.59 23.74
C PRO A 101 -0.92 -2.88 24.18
N VAL A 102 -0.26 -3.77 24.90
CA VAL A 102 -0.97 -4.98 25.30
C VAL A 102 -1.56 -4.75 26.68
N VAL A 103 -2.77 -4.18 26.72
CA VAL A 103 -3.39 -3.71 27.94
C VAL A 103 -4.89 -3.93 27.75
N GLU A 104 -5.67 -4.12 28.84
CA GLU A 104 -7.12 -4.23 28.66
C GLU A 104 -7.65 -2.84 28.30
N HIS A 105 -8.45 -2.73 27.23
CA HIS A 105 -9.04 -1.48 26.81
C HIS A 105 -10.18 -1.20 27.76
N LYS A 106 -10.16 -0.05 28.46
CA LYS A 106 -11.04 0.16 29.63
C LYS A 106 -12.53 0.23 29.26
N VAL A 107 -12.86 0.85 28.12
CA VAL A 107 -14.23 0.94 27.61
C VAL A 107 -14.69 -0.41 27.08
N GLU A 108 -13.89 -1.09 26.23
CA GLU A 108 -14.37 -2.22 25.46
C GLU A 108 -13.88 -3.50 26.13
N LYS A 109 -13.15 -3.38 27.22
CA LYS A 109 -13.02 -4.50 28.13
C LYS A 109 -12.38 -5.70 27.43
N VAL A 110 -11.40 -5.44 26.55
CA VAL A 110 -10.62 -6.45 25.84
C VAL A 110 -9.23 -5.88 25.60
N TYR A 111 -8.26 -6.76 25.35
CA TYR A 111 -6.94 -6.30 24.94
C TYR A 111 -7.04 -5.58 23.62
N VAL A 112 -6.35 -4.45 23.55
CA VAL A 112 -6.40 -3.55 22.41
C VAL A 112 -6.10 -4.27 21.10
N PRO A 113 -5.09 -5.17 21.01
CA PRO A 113 -4.80 -5.82 19.74
C PRO A 113 -5.97 -6.69 19.27
N ALA A 114 -6.65 -7.36 20.20
CA ALA A 114 -7.87 -8.12 19.92
C ALA A 114 -8.92 -7.20 19.31
N LEU A 115 -9.05 -6.03 19.93
CA LEU A 115 -10.14 -5.13 19.61
C LEU A 115 -9.92 -4.65 18.17
N ILE A 116 -8.67 -4.28 17.85
CA ILE A 116 -8.41 -3.60 16.60
C ILE A 116 -8.20 -4.56 15.43
N PHE A 117 -7.95 -5.84 15.72
CA PHE A 117 -7.79 -6.86 14.68
C PHE A 117 -8.97 -7.82 14.60
N GLY A 118 -9.91 -7.71 15.57
CA GLY A 118 -10.94 -8.71 15.84
C GLY A 118 -12.36 -8.14 15.80
N GLN A 119 -12.51 -6.83 15.93
CA GLN A 119 -13.83 -6.23 15.88
C GLN A 119 -13.86 -5.12 14.86
N LEU A 120 -15.02 -4.92 14.23
CA LEU A 120 -15.10 -3.97 13.14
C LEU A 120 -15.31 -2.54 13.64
N LEU A 121 -15.01 -1.62 12.72
CA LEU A 121 -15.07 -0.19 12.95
C LEU A 121 -14.15 0.16 14.13
N THR A 122 -12.89 -0.35 14.05
CA THR A 122 -11.84 -0.17 15.06
C THR A 122 -10.58 0.37 14.38
N SER A 123 -10.14 1.55 14.88
CA SER A 123 -9.01 2.28 14.33
C SER A 123 -8.46 3.25 15.37
N SER A 124 -7.13 3.40 15.28
CA SER A 124 -6.47 4.50 15.93
C SER A 124 -6.49 5.77 15.06
N ASN A 125 -7.23 5.80 13.95
CA ASN A 125 -7.15 6.97 13.06
C ASN A 125 -8.53 7.60 12.92
N TYR A 126 -9.41 7.49 13.91
CA TYR A 126 -10.75 8.06 13.74
C TYR A 126 -10.71 9.55 14.13
N ASP A 127 -10.18 9.88 15.29
CA ASP A 127 -10.27 11.26 15.74
C ASP A 127 -8.90 11.91 15.49
N VAL A 133 -0.72 11.20 9.07
CA VAL A 133 -0.86 11.14 7.58
C VAL A 133 -0.68 9.68 7.10
N THR A 134 -1.50 8.81 7.70
CA THR A 134 -1.60 7.41 7.39
C THR A 134 -2.39 7.17 6.09
N GLY A 135 -2.23 5.94 5.55
CA GLY A 135 -3.22 5.30 4.70
C GLY A 135 -4.49 4.92 5.42
N GLY A 136 -4.38 4.52 6.72
CA GLY A 136 -5.51 4.08 7.52
C GLY A 136 -6.43 5.26 7.87
N ARG A 137 -7.73 4.97 7.95
CA ARG A 137 -8.74 6.02 8.09
C ARG A 137 -10.09 5.40 8.43
N ASN A 138 -10.45 4.28 7.75
CA ASN A 138 -11.80 3.77 7.86
C ASN A 138 -11.90 2.61 8.86
N GLY A 139 -10.81 2.02 9.30
CA GLY A 139 -10.97 1.16 10.48
C GLY A 139 -11.61 -0.20 10.17
N TYR A 140 -11.60 -0.54 8.88
CA TYR A 140 -11.77 -1.87 8.30
C TYR A 140 -10.44 -2.16 7.66
N GLY A 141 -10.06 -3.38 7.43
CA GLY A 141 -8.81 -3.39 6.67
C GLY A 141 -8.05 -4.64 7.05
N ALA A 142 -7.57 -4.56 8.28
CA ALA A 142 -7.15 -5.69 9.07
C ALA A 142 -8.33 -6.63 9.27
N LYS A 143 -9.49 -6.12 9.66
CA LYS A 143 -10.56 -7.08 9.96
C LYS A 143 -10.94 -7.82 8.66
N LEU A 144 -11.00 -7.08 7.51
CA LEU A 144 -11.24 -7.60 6.16
C LEU A 144 -10.26 -8.70 5.72
N CYS A 145 -8.95 -8.43 5.77
CA CYS A 145 -7.95 -9.49 5.74
C CYS A 145 -8.28 -10.72 6.63
N ASN A 146 -8.64 -10.50 7.92
CA ASN A 146 -8.98 -11.54 8.89
C ASN A 146 -10.15 -12.38 8.37
N ILE A 147 -11.08 -11.66 7.77
CA ILE A 147 -12.34 -12.26 7.36
C ILE A 147 -12.15 -13.01 6.04
N PHE A 148 -11.07 -12.73 5.32
CA PHE A 148 -10.87 -13.40 4.04
C PHE A 148 -9.67 -14.32 4.15
N SER A 149 -9.39 -14.72 5.40
CA SER A 149 -8.36 -15.66 5.75
C SER A 149 -8.98 -16.87 6.45
N THR A 150 -8.54 -18.06 6.03
CA THR A 150 -8.79 -19.28 6.76
C THR A 150 -8.07 -19.25 8.09
N LYS A 151 -6.90 -18.59 8.14
CA LYS A 151 -6.18 -18.41 9.41
C LYS A 151 -5.48 -17.04 9.49
N PHE A 152 -5.47 -16.42 10.67
CA PHE A 152 -4.96 -15.06 10.77
C PHE A 152 -4.41 -14.77 12.17
N THR A 153 -3.07 -14.56 12.22
CA THR A 153 -2.34 -14.50 13.47
C THR A 153 -1.79 -13.09 13.63
N VAL A 154 -1.99 -12.59 14.86
CA VAL A 154 -1.40 -11.35 15.30
C VAL A 154 -0.55 -11.60 16.54
N GLU A 155 0.74 -11.26 16.38
CA GLU A 155 1.66 -10.97 17.46
C GLU A 155 2.10 -9.50 17.45
N THR A 156 2.09 -8.91 18.64
CA THR A 156 2.61 -7.57 18.83
C THR A 156 3.25 -7.51 20.21
N ALA A 157 4.19 -6.58 20.37
CA ALA A 157 4.87 -6.40 21.63
C ALA A 157 5.23 -4.93 21.80
N CYS A 158 4.80 -4.35 22.91
CA CYS A 158 5.06 -2.95 23.20
C CYS A 158 5.66 -2.85 24.60
N LYS A 159 6.97 -2.55 24.62
CA LYS A 159 7.74 -2.31 25.81
C LYS A 159 7.02 -1.35 26.78
N GLU A 160 6.36 -0.29 26.29
CA GLU A 160 5.84 0.72 27.21
C GLU A 160 4.74 0.17 28.12
N TYR A 161 4.06 -0.86 27.66
CA TYR A 161 2.94 -1.45 28.37
C TYR A 161 3.33 -2.80 28.97
N LYS A 162 4.61 -3.17 28.84
CA LYS A 162 5.26 -4.26 29.56
C LYS A 162 4.76 -5.66 29.19
N HIS A 163 4.07 -5.80 28.03
CA HIS A 163 3.54 -7.09 27.58
C HIS A 163 3.57 -7.30 26.05
N SER A 164 3.70 -8.58 25.68
CA SER A 164 3.51 -9.13 24.34
C SER A 164 2.18 -9.89 24.22
N PHE A 165 1.65 -9.90 23.00
CA PHE A 165 0.31 -10.41 22.70
C PHE A 165 0.38 -11.32 21.49
N LYS A 166 -0.46 -12.35 21.53
CA LYS A 166 -0.53 -13.27 20.43
C LYS A 166 -1.90 -13.92 20.45
N GLN A 167 -2.62 -13.81 19.33
CA GLN A 167 -3.90 -14.48 19.15
C GLN A 167 -4.03 -14.89 17.70
N THR A 168 -4.80 -15.98 17.49
CA THR A 168 -5.08 -16.54 16.17
C THR A 168 -6.59 -16.59 15.95
N TRP A 169 -7.04 -16.10 14.78
CA TRP A 169 -8.43 -16.25 14.32
C TRP A 169 -8.47 -17.29 13.22
N MET A 170 -9.67 -17.84 12.96
CA MET A 170 -9.83 -18.91 11.99
C MET A 170 -11.22 -18.92 11.40
N ASN A 171 -11.32 -19.47 10.18
CA ASN A 171 -12.58 -19.55 9.44
C ASN A 171 -13.19 -18.17 9.44
N ASN A 172 -12.53 -17.25 8.72
CA ASN A 172 -13.08 -15.94 8.38
C ASN A 172 -13.49 -15.19 9.63
N MET A 173 -12.69 -15.35 10.68
CA MET A 173 -12.83 -14.53 11.87
C MET A 173 -13.96 -15.07 12.71
N MET A 174 -14.41 -16.28 12.43
CA MET A 174 -15.49 -16.86 13.23
C MET A 174 -14.98 -17.64 14.43
N LYS A 175 -13.72 -18.10 14.41
CA LYS A 175 -13.13 -18.77 15.56
C LYS A 175 -11.87 -18.00 15.95
N THR A 176 -11.43 -18.24 17.22
CA THR A 176 -10.27 -17.57 17.81
C THR A 176 -9.80 -18.26 19.10
N SER A 177 -8.55 -18.74 19.16
CA SER A 177 -7.81 -18.94 20.41
C SER A 177 -7.99 -17.74 21.34
N GLU A 178 -7.97 -17.92 22.68
CA GLU A 178 -7.78 -16.76 23.55
C GLU A 178 -6.39 -16.15 23.29
N ALA A 179 -6.19 -14.92 23.77
CA ALA A 179 -4.90 -14.26 23.68
C ALA A 179 -3.87 -14.90 24.63
N LYS A 180 -2.72 -15.29 24.06
CA LYS A 180 -1.47 -15.50 24.76
C LYS A 180 -0.87 -14.14 25.15
N ILE A 181 -0.78 -13.85 26.46
CA ILE A 181 -0.25 -12.58 26.94
C ILE A 181 0.91 -12.87 27.89
N LYS A 182 2.12 -12.38 27.55
CA LYS A 182 3.27 -12.54 28.41
C LYS A 182 3.86 -11.15 28.64
N HIS A 183 4.71 -11.08 29.65
CA HIS A 183 5.45 -9.90 30.00
C HIS A 183 6.62 -9.75 29.04
N PHE A 184 6.94 -8.51 28.65
CA PHE A 184 7.95 -8.34 27.63
C PHE A 184 8.74 -7.06 27.90
N ASP A 185 10.07 -7.12 27.74
CA ASP A 185 10.93 -5.94 27.80
C ASP A 185 11.84 -5.76 26.59
N GLY A 186 11.67 -6.57 25.54
CA GLY A 186 12.50 -6.49 24.36
C GLY A 186 12.19 -5.26 23.49
N GLU A 187 12.49 -5.39 22.19
CA GLU A 187 12.16 -4.40 21.17
C GLU A 187 10.84 -4.74 20.50
N ASP A 188 10.08 -3.67 20.26
CA ASP A 188 8.74 -3.75 19.71
C ASP A 188 8.82 -4.28 18.27
N TYR A 189 7.81 -5.05 17.94
CA TYR A 189 7.55 -5.63 16.64
C TYR A 189 6.04 -5.82 16.58
N THR A 190 5.48 -5.73 15.36
CA THR A 190 4.15 -6.27 15.09
C THR A 190 4.30 -7.22 13.89
N CYS A 191 3.70 -8.41 14.01
CA CYS A 191 3.79 -9.41 12.96
C CYS A 191 2.43 -10.02 12.66
N ILE A 192 2.02 -9.88 11.39
CA ILE A 192 0.70 -10.31 10.98
C ILE A 192 0.93 -11.46 10.02
N THR A 193 0.38 -12.63 10.39
CA THR A 193 0.49 -13.81 9.53
C THR A 193 -0.90 -14.39 9.23
N PHE A 194 -1.17 -14.57 7.91
CA PHE A 194 -2.46 -14.96 7.36
C PHE A 194 -2.29 -15.92 6.18
N GLN A 195 -3.26 -16.87 6.11
CA GLN A 195 -3.50 -17.77 4.98
C GLN A 195 -4.81 -17.34 4.35
N PRO A 196 -4.77 -16.61 3.21
CA PRO A 196 -5.98 -16.02 2.65
C PRO A 196 -6.86 -17.21 2.33
N ASP A 197 -8.16 -16.97 2.21
CA ASP A 197 -9.09 -18.00 1.81
C ASP A 197 -9.22 -18.02 0.29
N LEU A 198 -8.52 -18.96 -0.37
CA LEU A 198 -8.46 -19.02 -1.83
C LEU A 198 -9.81 -19.48 -2.40
N SER A 199 -10.59 -20.23 -1.62
CA SER A 199 -11.87 -20.63 -2.14
C SER A 199 -12.72 -19.37 -2.45
N LYS A 200 -12.63 -18.29 -1.64
CA LYS A 200 -13.49 -17.14 -1.89
C LYS A 200 -13.09 -16.34 -3.14
N PHE A 201 -11.90 -16.58 -3.68
CA PHE A 201 -11.43 -15.88 -4.88
C PHE A 201 -11.37 -16.86 -6.05
N LYS A 202 -11.81 -18.09 -5.76
CA LYS A 202 -11.89 -19.19 -6.71
C LYS A 202 -10.51 -19.56 -7.23
N MET A 203 -9.47 -19.60 -6.37
CA MET A 203 -8.12 -19.95 -6.80
C MET A 203 -7.65 -21.23 -6.11
N GLU A 204 -6.74 -21.96 -6.77
CA GLU A 204 -6.08 -23.11 -6.15
C GLU A 204 -4.99 -22.63 -5.18
N LYS A 205 -4.05 -21.83 -5.70
CA LYS A 205 -2.77 -21.45 -5.11
C LYS A 205 -2.58 -19.96 -5.38
N LEU A 206 -1.63 -19.28 -4.70
CA LEU A 206 -1.16 -17.99 -5.18
C LEU A 206 -0.18 -18.19 -6.35
N ASP A 207 -0.56 -17.72 -7.56
CA ASP A 207 0.18 -18.00 -8.79
C ASP A 207 1.16 -16.87 -9.12
N LYS A 208 1.92 -17.04 -10.21
CA LYS A 208 2.94 -16.07 -10.65
C LYS A 208 2.39 -14.65 -10.65
N ASP A 209 1.14 -14.50 -11.13
CA ASP A 209 0.57 -13.19 -11.41
C ASP A 209 0.29 -12.43 -10.11
N ILE A 210 -0.26 -13.09 -9.07
CA ILE A 210 -0.56 -12.39 -7.83
C ILE A 210 0.73 -12.20 -7.02
N VAL A 211 1.66 -13.16 -7.16
CA VAL A 211 2.90 -13.07 -6.39
C VAL A 211 3.77 -11.92 -6.93
N ALA A 212 3.74 -11.67 -8.25
CA ALA A 212 4.55 -10.63 -8.90
C ALA A 212 3.95 -9.26 -8.60
N LEU A 213 2.64 -9.24 -8.42
CA LEU A 213 2.00 -8.01 -7.98
C LEU A 213 2.38 -7.76 -6.54
N MET A 214 2.40 -8.83 -5.73
CA MET A 214 2.61 -8.65 -4.30
C MET A 214 4.06 -8.26 -4.00
N THR A 215 4.92 -8.91 -4.78
CA THR A 215 6.32 -8.56 -4.86
C THR A 215 6.47 -7.10 -5.29
N ARG A 216 5.65 -6.59 -6.19
CA ARG A 216 5.89 -5.22 -6.59
C ARG A 216 5.55 -4.24 -5.48
N ARG A 217 4.58 -4.60 -4.62
CA ARG A 217 4.19 -3.72 -3.52
C ARG A 217 5.30 -3.58 -2.45
N ALA A 218 6.12 -4.65 -2.25
CA ALA A 218 7.23 -4.55 -1.31
C ALA A 218 8.29 -3.60 -1.87
N TYR A 219 8.52 -3.64 -3.18
CA TYR A 219 9.41 -2.66 -3.76
C TYR A 219 8.82 -1.26 -3.66
N ASP A 220 7.50 -1.19 -3.84
CA ASP A 220 6.81 0.08 -3.85
C ASP A 220 7.03 0.73 -2.50
N LEU A 221 7.03 -0.10 -1.48
CA LEU A 221 7.18 0.32 -0.10
C LEU A 221 8.62 0.78 0.20
N ALA A 222 9.62 0.03 -0.26
CA ALA A 222 10.99 0.56 -0.34
C ALA A 222 11.00 1.92 -1.04
N GLY A 223 10.34 1.99 -2.21
CA GLY A 223 10.13 3.24 -2.93
C GLY A 223 9.40 4.32 -2.12
N SER A 224 8.30 3.98 -1.46
CA SER A 224 7.38 4.98 -0.96
C SER A 224 7.76 5.39 0.46
N CYS A 225 8.43 4.53 1.22
CA CYS A 225 8.36 4.64 2.66
C CYS A 225 9.75 5.06 3.17
N ARG A 226 9.88 6.33 3.56
CA ARG A 226 11.20 6.88 3.84
C ARG A 226 11.75 6.37 5.17
N GLY A 227 13.00 5.95 5.11
CA GLY A 227 13.73 5.47 6.28
C GLY A 227 13.28 4.10 6.74
N VAL A 228 12.84 3.24 5.82
CA VAL A 228 12.56 1.89 6.24
C VAL A 228 13.17 0.88 5.28
N LYS A 229 14.05 0.01 5.77
CA LYS A 229 14.53 -1.15 5.04
C LYS A 229 13.30 -2.01 4.75
N VAL A 230 13.30 -2.65 3.58
CA VAL A 230 12.32 -3.67 3.24
C VAL A 230 13.02 -4.96 2.84
N MET A 231 12.54 -6.05 3.42
CA MET A 231 13.03 -7.35 3.04
C MET A 231 11.91 -8.18 2.47
N PHE A 232 12.21 -8.78 1.31
CA PHE A 232 11.33 -9.71 0.66
C PHE A 232 11.96 -11.08 0.78
N ASN A 233 11.24 -11.98 1.45
CA ASN A 233 11.63 -13.37 1.63
C ASN A 233 13.04 -13.45 2.21
N GLY A 234 13.33 -12.61 3.21
CA GLY A 234 14.60 -12.67 3.93
C GLY A 234 15.71 -11.84 3.28
N LYS A 235 15.39 -11.15 2.18
CA LYS A 235 16.38 -10.55 1.32
C LYS A 235 16.10 -9.06 1.28
N LYS A 236 17.07 -8.26 1.66
CA LYS A 236 17.02 -6.81 1.51
C LYS A 236 16.81 -6.41 0.05
N LEU A 237 16.01 -5.32 -0.09
CA LEU A 237 15.77 -4.77 -1.41
C LEU A 237 16.67 -3.57 -1.60
N PRO A 238 17.49 -3.58 -2.66
CA PRO A 238 18.44 -2.49 -2.95
C PRO A 238 17.72 -1.27 -3.53
N VAL A 239 16.96 -0.62 -2.68
CA VAL A 239 16.27 0.59 -3.04
C VAL A 239 16.40 1.49 -1.81
N ASN A 240 17.12 2.57 -2.03
CA ASN A 240 17.31 3.62 -1.06
C ASN A 240 17.13 4.93 -1.80
N GLY A 241 16.04 5.64 -1.47
CA GLY A 241 15.64 6.80 -2.23
C GLY A 241 14.50 6.47 -3.19
N PHE A 242 13.67 7.47 -3.40
CA PHE A 242 12.65 7.45 -4.45
C PHE A 242 13.31 7.35 -5.83
N ARG A 243 14.41 8.07 -6.04
CA ARG A 243 15.08 8.07 -7.33
C ARG A 243 15.48 6.64 -7.70
N SER A 244 15.91 5.78 -6.76
CA SER A 244 16.41 4.45 -7.12
C SER A 244 15.27 3.48 -7.48
N TYR A 245 14.10 3.73 -6.88
CA TYR A 245 12.88 3.00 -7.20
C TYR A 245 12.46 3.31 -8.64
N VAL A 246 12.37 4.60 -8.93
CA VAL A 246 12.14 5.09 -10.28
C VAL A 246 13.12 4.45 -11.27
N ASP A 247 14.37 4.24 -10.91
CA ASP A 247 15.33 3.58 -11.77
C ASP A 247 14.85 2.21 -12.21
N LEU A 248 14.00 1.60 -11.38
CA LEU A 248 13.57 0.25 -11.66
C LEU A 248 12.77 0.21 -12.95
N TYR A 249 12.07 1.32 -13.18
CA TYR A 249 11.16 1.48 -14.29
C TYR A 249 11.91 2.03 -15.49
N VAL A 250 12.85 2.95 -15.28
CA VAL A 250 13.43 3.63 -16.43
C VAL A 250 14.68 2.91 -16.95
N LYS A 251 15.18 1.90 -16.20
CA LYS A 251 16.26 1.01 -16.59
C LYS A 251 16.06 0.42 -17.98
N ASP A 252 16.90 0.83 -18.95
CA ASP A 252 16.81 0.30 -20.30
C ASP A 252 15.49 0.67 -20.96
N LYS A 253 15.07 1.89 -20.62
CA LYS A 253 14.15 2.63 -21.46
C LYS A 253 15.00 3.42 -22.45
N LEU A 254 14.46 3.55 -23.67
CA LEU A 254 15.05 4.40 -24.69
C LEU A 254 14.17 5.62 -24.91
N ASP A 255 14.82 6.73 -25.22
CA ASP A 255 14.19 7.85 -25.88
C ASP A 255 14.27 7.61 -27.39
N GLU A 256 13.63 8.56 -28.09
CA GLU A 256 13.60 8.76 -29.52
C GLU A 256 14.91 8.53 -30.25
N THR A 257 16.04 8.94 -29.66
CA THR A 257 17.34 8.81 -30.32
C THR A 257 18.17 7.67 -29.71
N GLY A 258 17.50 6.65 -29.18
CA GLY A 258 18.19 5.47 -28.72
C GLY A 258 19.19 5.78 -27.61
N VAL A 259 18.84 6.76 -26.79
CA VAL A 259 19.59 7.18 -25.60
C VAL A 259 18.72 6.92 -24.37
N ALA A 260 19.28 6.47 -23.26
CA ALA A 260 18.45 6.14 -22.11
C ALA A 260 17.89 7.43 -21.48
N LEU A 261 16.74 7.27 -20.81
CA LEU A 261 15.95 8.39 -20.34
C LEU A 261 16.70 9.15 -19.25
N LYS A 262 16.75 10.48 -19.37
CA LYS A 262 17.05 11.36 -18.23
C LYS A 262 15.86 11.40 -17.27
N VAL A 263 16.16 11.41 -15.97
CA VAL A 263 15.17 11.64 -14.92
C VAL A 263 15.47 12.92 -14.13
N ILE A 264 14.46 13.73 -13.86
CA ILE A 264 14.64 14.91 -13.01
C ILE A 264 13.99 14.64 -11.65
N HIS A 265 14.75 14.83 -10.54
CA HIS A 265 14.26 14.64 -9.18
C HIS A 265 14.13 15.99 -8.47
N GLU A 266 13.10 16.13 -7.64
CA GLU A 266 13.03 17.19 -6.66
C GLU A 266 12.16 16.68 -5.53
N LEU A 267 12.75 16.54 -4.35
CA LEU A 267 11.98 16.50 -3.14
C LEU A 267 11.53 17.93 -2.79
N ALA A 268 10.32 18.34 -3.19
CA ALA A 268 9.75 19.67 -2.95
C ALA A 268 9.58 20.02 -1.45
N ASN A 269 9.20 19.02 -0.65
CA ASN A 269 9.24 19.07 0.80
C ASN A 269 9.02 17.64 1.26
N GLU A 270 8.72 17.40 2.52
CA GLU A 270 8.77 16.01 2.99
C GLU A 270 7.54 15.23 2.53
N ARG A 271 6.51 15.95 2.07
CA ARG A 271 5.27 15.35 1.62
C ARG A 271 5.10 15.34 0.08
N TRP A 272 6.04 15.96 -0.65
CA TRP A 272 5.98 15.85 -2.11
C TRP A 272 7.35 15.41 -2.66
N ASP A 273 7.34 14.34 -3.40
CA ASP A 273 8.61 13.85 -3.90
C ASP A 273 8.36 13.43 -5.34
N VAL A 274 9.12 14.00 -6.26
CA VAL A 274 8.70 14.04 -7.65
C VAL A 274 9.89 13.79 -8.60
N CYS A 275 9.83 12.71 -9.41
CA CYS A 275 10.63 12.61 -10.63
C CYS A 275 9.78 12.75 -11.90
N LEU A 276 10.43 13.21 -12.97
CA LEU A 276 9.79 13.43 -14.25
C LEU A 276 10.69 12.92 -15.37
N THR A 277 10.10 12.43 -16.47
CA THR A 277 10.83 12.14 -17.68
C THR A 277 9.86 12.12 -18.85
N LEU A 278 10.44 11.99 -20.05
CA LEU A 278 9.80 11.63 -21.32
C LEU A 278 8.88 10.40 -21.26
N SER A 279 7.80 10.47 -22.06
CA SER A 279 7.01 9.32 -22.47
C SER A 279 6.93 9.25 -23.99
N GLU A 280 7.05 8.00 -24.50
CA GLU A 280 7.01 7.65 -25.93
C GLU A 280 5.88 6.65 -26.19
N LYS A 281 5.03 6.50 -25.18
CA LYS A 281 3.72 5.89 -25.31
C LYS A 281 2.73 6.62 -24.41
N GLY A 282 2.76 7.97 -24.49
CA GLY A 282 1.74 8.84 -23.89
C GLY A 282 1.82 8.98 -22.37
N PHE A 283 1.13 9.98 -21.85
CA PHE A 283 1.02 10.21 -20.41
C PHE A 283 0.93 8.90 -19.62
N GLN A 284 1.87 8.75 -18.68
CA GLN A 284 1.93 7.64 -17.75
C GLN A 284 2.17 8.24 -16.38
N GLN A 285 1.89 7.46 -15.34
CA GLN A 285 2.11 7.93 -14.00
C GLN A 285 2.29 6.72 -13.06
N ILE A 286 3.33 6.82 -12.23
CA ILE A 286 3.48 5.99 -11.05
C ILE A 286 3.37 6.93 -9.83
N SER A 287 2.55 6.57 -8.83
CA SER A 287 2.30 7.52 -7.76
C SER A 287 1.77 6.83 -6.52
N PHE A 288 2.06 7.47 -5.37
CA PHE A 288 1.72 6.98 -4.04
C PHE A 288 1.23 8.12 -3.14
N VAL A 289 0.11 7.83 -2.45
CA VAL A 289 -0.39 8.61 -1.32
C VAL A 289 -0.31 7.79 -0.04
N ASN A 290 0.46 8.23 0.98
CA ASN A 290 0.58 7.50 2.24
C ASN A 290 0.84 6.02 1.96
N SER A 291 1.69 5.76 0.93
CA SER A 291 2.30 4.47 0.58
C SER A 291 1.33 3.57 -0.17
N ILE A 292 0.21 4.13 -0.63
CA ILE A 292 -0.82 3.37 -1.33
C ILE A 292 -0.64 3.58 -2.83
N ALA A 293 -0.51 2.51 -3.64
CA ALA A 293 -0.27 2.60 -5.08
C ALA A 293 -1.54 3.06 -5.81
N THR A 294 -1.64 4.37 -6.09
CA THR A 294 -2.73 4.95 -6.86
C THR A 294 -2.44 4.76 -8.35
N THR A 295 -2.75 3.56 -8.86
CA THR A 295 -2.36 3.20 -10.22
C THR A 295 -3.28 3.90 -11.24
N LYS A 296 -4.54 4.23 -10.88
CA LYS A 296 -5.40 4.96 -11.80
C LYS A 296 -5.01 6.44 -11.72
N GLY A 297 -4.72 6.95 -10.53
CA GLY A 297 -4.19 8.29 -10.44
C GLY A 297 -4.93 9.05 -9.35
N GLY A 298 -5.28 10.31 -9.66
CA GLY A 298 -5.97 11.09 -8.67
C GLY A 298 -5.72 12.57 -8.84
N ARG A 299 -6.24 13.32 -7.87
CA ARG A 299 -6.28 14.78 -7.88
C ARG A 299 -4.93 15.33 -7.43
N HIS A 300 -4.18 14.46 -6.77
CA HIS A 300 -2.78 14.68 -6.42
C HIS A 300 -1.91 14.64 -7.66
N VAL A 301 -2.11 13.66 -8.56
CA VAL A 301 -1.45 13.65 -9.85
C VAL A 301 -1.83 14.90 -10.66
N ASP A 302 -3.11 15.28 -10.64
CA ASP A 302 -3.56 16.39 -11.48
C ASP A 302 -2.87 17.66 -10.97
N TYR A 303 -2.87 17.84 -9.65
CA TYR A 303 -2.25 18.99 -9.02
C TYR A 303 -0.88 19.28 -9.59
N VAL A 304 -0.10 18.20 -9.63
CA VAL A 304 1.32 18.35 -9.91
C VAL A 304 1.58 18.64 -11.38
N VAL A 305 1.02 17.76 -12.21
CA VAL A 305 1.03 17.85 -13.66
C VAL A 305 0.65 19.24 -14.14
N ASP A 306 -0.44 19.76 -13.55
CA ASP A 306 -0.87 21.12 -13.81
C ASP A 306 0.35 22.01 -13.81
N GLN A 307 1.00 22.08 -12.65
CA GLN A 307 2.07 23.02 -12.46
C GLN A 307 3.04 22.90 -13.63
N VAL A 308 3.37 21.65 -13.92
CA VAL A 308 4.49 21.32 -14.79
C VAL A 308 4.16 21.73 -16.22
N VAL A 309 3.00 21.26 -16.68
CA VAL A 309 2.46 21.69 -17.96
C VAL A 309 2.44 23.22 -17.97
N GLY A 310 1.73 23.77 -16.97
CA GLY A 310 1.68 25.20 -16.73
C GLY A 310 3.01 25.86 -17.06
N LYS A 311 4.07 25.35 -16.41
CA LYS A 311 5.36 26.03 -16.46
C LYS A 311 5.99 25.76 -17.83
N LEU A 312 6.28 24.49 -18.10
CA LEU A 312 6.89 24.10 -19.36
C LEU A 312 6.44 25.02 -20.49
N ILE A 313 5.14 25.03 -20.80
CA ILE A 313 4.68 25.77 -21.95
C ILE A 313 5.47 27.07 -22.12
N GLU A 314 5.64 27.81 -21.01
CA GLU A 314 6.55 28.95 -20.95
C GLU A 314 7.98 28.42 -20.74
N VAL A 326 0.53 25.16 -28.73
CA VAL A 326 0.67 23.89 -27.96
C VAL A 326 -0.29 23.84 -26.75
N LYS A 327 -1.37 23.06 -26.80
CA LYS A 327 -2.30 23.05 -25.67
C LYS A 327 -1.73 22.17 -24.56
N PRO A 328 -2.19 22.34 -23.30
CA PRO A 328 -1.72 21.53 -22.19
C PRO A 328 -1.73 20.06 -22.57
N PHE A 329 -2.87 19.57 -23.06
CA PHE A 329 -3.06 18.14 -23.19
C PHE A 329 -1.95 17.54 -24.08
N GLN A 330 -1.43 18.30 -25.06
CA GLN A 330 -0.41 17.81 -26.01
C GLN A 330 0.92 17.46 -25.33
N VAL A 331 1.20 18.12 -24.19
CA VAL A 331 2.41 17.95 -23.37
C VAL A 331 2.27 16.80 -22.37
N LYS A 332 1.11 16.71 -21.71
CA LYS A 332 0.74 15.53 -20.96
C LYS A 332 1.15 14.27 -21.72
N ASN A 333 1.25 14.29 -23.06
CA ASN A 333 1.51 13.06 -23.80
C ASN A 333 2.98 12.74 -23.92
N HIS A 334 3.83 13.64 -23.43
CA HIS A 334 5.25 13.37 -23.42
C HIS A 334 5.80 13.33 -21.99
N ILE A 335 4.91 13.20 -20.99
CA ILE A 335 5.36 13.15 -19.61
C ILE A 335 5.16 11.75 -19.03
N TRP A 336 6.15 11.39 -18.21
CA TRP A 336 6.05 10.28 -17.30
C TRP A 336 6.37 10.78 -15.90
N VAL A 337 5.37 10.82 -15.04
CA VAL A 337 5.56 11.47 -13.74
C VAL A 337 5.59 10.41 -12.64
N PHE A 338 6.48 10.59 -11.65
CA PHE A 338 6.47 9.71 -10.49
C PHE A 338 6.29 10.51 -9.21
N ILE A 339 5.22 10.24 -8.44
CA ILE A 339 4.98 11.05 -7.25
C ILE A 339 4.91 10.14 -6.05
N ASN A 340 5.75 10.45 -5.06
CA ASN A 340 5.54 9.93 -3.72
C ASN A 340 5.03 11.08 -2.85
N CYS A 341 3.78 11.01 -2.37
CA CYS A 341 3.31 12.13 -1.56
C CYS A 341 2.62 11.69 -0.28
N LEU A 342 2.45 12.68 0.61
CA LEU A 342 1.76 12.50 1.88
C LEU A 342 0.57 13.48 1.96
N ILE A 343 -0.61 12.90 2.21
CA ILE A 343 -1.89 13.61 2.18
C ILE A 343 -2.66 13.34 3.46
N GLU A 344 -3.26 14.42 4.00
CA GLU A 344 -4.12 14.32 5.18
C GLU A 344 -5.52 13.83 4.81
N ASN A 345 -5.86 12.64 5.35
CA ASN A 345 -7.19 12.04 5.27
C ASN A 345 -7.61 11.84 3.81
N PRO A 346 -6.97 10.90 3.08
CA PRO A 346 -7.36 10.60 1.68
C PRO A 346 -8.66 9.81 1.44
N THR A 347 -9.28 10.10 0.28
CA THR A 347 -10.47 9.43 -0.22
C THR A 347 -10.19 8.80 -1.57
N PHE A 348 -10.99 7.80 -1.95
CA PHE A 348 -10.75 7.10 -3.22
C PHE A 348 -12.04 6.66 -3.90
N ASP A 349 -12.06 6.71 -5.24
CA ASP A 349 -13.08 6.13 -6.11
C ASP A 349 -13.53 4.77 -5.58
N SER A 350 -12.56 3.89 -5.28
CA SER A 350 -12.83 2.47 -5.14
C SER A 350 -12.31 1.91 -3.82
N GLN A 351 -12.66 0.64 -3.57
CA GLN A 351 -12.16 -0.12 -2.43
C GLN A 351 -10.70 -0.56 -2.64
N THR A 352 -10.25 -0.70 -3.89
CA THR A 352 -8.84 -0.99 -4.16
C THR A 352 -8.01 0.30 -4.34
N LYS A 353 -8.67 1.47 -4.15
CA LYS A 353 -8.02 2.77 -3.98
C LYS A 353 -7.12 3.21 -5.14
N GLU A 354 -7.19 2.59 -6.32
CA GLU A 354 -6.28 2.96 -7.41
C GLU A 354 -6.43 4.44 -7.84
N ASN A 355 -7.46 5.14 -7.40
CA ASN A 355 -7.59 6.56 -7.71
C ASN A 355 -8.05 7.30 -6.47
N MET A 356 -7.52 8.50 -6.30
CA MET A 356 -7.66 9.19 -5.04
C MET A 356 -8.28 10.56 -5.28
N THR A 357 -9.37 10.81 -4.53
CA THR A 357 -10.45 11.70 -4.94
C THR A 357 -10.49 13.00 -4.11
N LEU A 358 -9.63 13.12 -3.12
CA LEU A 358 -9.59 14.33 -2.33
C LEU A 358 -9.22 15.55 -3.18
N GLN A 359 -9.79 16.70 -2.80
CA GLN A 359 -9.53 18.00 -3.43
C GLN A 359 -8.19 18.54 -2.96
N PRO A 360 -7.45 19.25 -3.83
CA PRO A 360 -6.19 19.89 -3.45
C PRO A 360 -6.26 20.87 -2.29
N LYS A 361 -7.34 21.66 -2.20
CA LYS A 361 -7.43 22.58 -1.09
C LYS A 361 -7.58 21.82 0.22
N SER A 362 -7.70 20.47 0.22
CA SER A 362 -7.87 19.66 1.44
C SER A 362 -6.64 18.81 1.77
N PHE A 363 -5.63 18.78 0.89
CA PHE A 363 -4.48 17.90 1.06
C PHE A 363 -3.69 18.15 2.35
N GLY A 364 -3.70 19.40 2.81
CA GLY A 364 -2.98 19.79 4.03
C GLY A 364 -1.50 20.14 3.84
N SER A 365 -1.03 20.37 2.60
CA SER A 365 0.34 20.75 2.32
C SER A 365 0.46 21.23 0.87
N LYS A 366 1.58 21.87 0.53
CA LYS A 366 1.76 22.41 -0.81
C LYS A 366 2.92 21.75 -1.53
N CYS A 367 2.76 21.65 -2.85
CA CYS A 367 3.87 21.31 -3.69
C CYS A 367 4.30 22.52 -4.51
N GLN A 368 5.50 23.07 -4.19
CA GLN A 368 6.10 24.15 -4.96
C GLN A 368 7.47 23.70 -5.48
N LEU A 369 7.57 23.67 -6.80
CA LEU A 369 8.79 23.18 -7.41
C LEU A 369 9.63 24.38 -7.88
N SER A 370 10.93 24.31 -7.53
CA SER A 370 11.93 25.32 -7.82
C SER A 370 12.06 25.53 -9.32
N GLU A 371 12.76 26.61 -9.69
CA GLU A 371 13.09 26.89 -11.09
C GLU A 371 14.03 25.81 -11.58
N LYS A 372 15.00 25.45 -10.74
CA LYS A 372 16.07 24.51 -11.09
C LYS A 372 15.45 23.27 -11.75
N PHE A 373 14.35 22.83 -11.15
CA PHE A 373 13.67 21.62 -11.57
C PHE A 373 13.07 21.81 -12.94
N PHE A 374 12.33 22.92 -13.12
CA PHE A 374 11.72 23.24 -14.40
C PHE A 374 12.80 23.42 -15.47
N LYS A 375 13.97 23.95 -15.11
CA LYS A 375 15.02 24.29 -16.06
C LYS A 375 15.80 23.04 -16.49
N ALA A 376 16.19 22.21 -15.51
CA ALA A 376 16.63 20.83 -15.73
C ALA A 376 15.64 20.05 -16.60
N ALA A 377 14.35 20.31 -16.35
CA ALA A 377 13.29 19.58 -17.03
C ALA A 377 13.16 20.01 -18.50
N SER A 378 13.70 21.17 -18.89
CA SER A 378 13.66 21.60 -20.28
C SER A 378 14.46 20.65 -21.16
N ASN A 379 15.48 20.01 -20.56
CA ASN A 379 16.68 19.63 -21.28
C ASN A 379 16.73 18.12 -21.56
N CYS A 380 15.64 17.41 -21.27
CA CYS A 380 15.29 16.20 -22.01
C CYS A 380 14.14 16.56 -22.96
N GLY A 381 13.75 15.65 -23.86
CA GLY A 381 12.48 15.81 -24.56
C GLY A 381 11.32 15.99 -23.58
PB ADP B . -7.07 1.45 9.61
O1B ADP B . -7.85 1.59 8.28
O2B ADP B . -7.24 2.50 10.65
O3B ADP B . -5.67 1.14 9.26
PA ADP B . -7.01 -1.27 10.05
O1A ADP B . -8.07 -2.30 10.17
O2A ADP B . -6.19 -1.07 8.80
O3A ADP B . -7.57 0.19 10.45
O5' ADP B . -6.08 -1.51 11.29
C5' ADP B . -6.77 -1.40 12.58
C4' ADP B . -5.92 -0.61 13.56
O4' ADP B . -4.90 -1.48 14.16
C3' ADP B . -5.16 0.58 12.95
O3' ADP B . -5.88 1.81 13.00
C2' ADP B . -3.87 0.64 13.78
O2' ADP B . -4.12 1.51 14.85
C1' ADP B . -3.66 -0.80 14.26
N9 ADP B . -2.65 -1.48 13.46
C8 ADP B . -2.83 -2.24 12.33
N7 ADP B . -1.72 -2.71 11.83
C5 ADP B . -0.73 -2.18 12.64
C6 ADP B . 0.68 -2.29 12.60
N6 ADP B . 1.33 -3.01 11.69
N1 ADP B . 1.37 -1.68 13.60
C2 ADP B . 0.70 -0.98 14.52
N3 ADP B . -0.62 -0.83 14.66
C4 ADP B . -1.29 -1.44 13.66
H5'1 ADP B . -6.94 -2.29 12.95
H5'2 ADP B . -7.64 -0.94 12.46
H4' ADP B . -6.51 -0.27 14.27
H3' ADP B . -4.92 0.37 12.01
H2' ADP B . -3.10 0.95 13.23
H1' ADP B . -3.38 -0.77 15.20
H8 ADP B . -3.68 -2.43 11.97
HN61 ADP B . 2.11 -2.74 11.40
HN62 ADP B . 0.97 -3.74 11.38
H2 ADP B . 1.22 -0.57 15.18
S SO4 C . -9.62 1.24 5.19
O1 SO4 C . -10.35 0.89 3.98
O2 SO4 C . -10.42 0.91 6.36
O3 SO4 C . -8.36 0.50 5.32
O4 SO4 C . -9.31 2.67 5.17
S SO4 D . 15.37 5.27 2.16
O1 SO4 D . 14.82 4.59 0.98
O2 SO4 D . 14.82 6.61 2.28
O3 SO4 D . 15.06 4.50 3.37
O4 SO4 D . 16.80 5.33 2.00
MG MG E . -5.22 -0.19 7.30
#